data_4Y1L
#
_entry.id   4Y1L
#
_cell.length_a   63.230
_cell.length_b   34.860
_cell.length_c   114.510
_cell.angle_alpha   90.00
_cell.angle_beta   98.53
_cell.angle_gamma   90.00
#
_symmetry.space_group_name_H-M   'P 1 21 1'
#
loop_
_entity.id
_entity.type
_entity.pdbx_description
1 polymer 'SUMO-conjugating enzyme UBC9'
2 polymer 'RWD domain-containing protein 3'
3 water water
#
loop_
_entity_poly.entity_id
_entity_poly.type
_entity_poly.pdbx_seq_one_letter_code
_entity_poly.pdbx_strand_id
1 'polypeptide(L)'
;MSGIALSRLAQERKAWRKDHPFGFVAVPTKNPDGTMNLMNWECAIPGKKGTPWEGGLFKLRMLFKDDYPSSPPKCKFEPP
LFHPNVYPSGTVCLSILEEDKDWRPAITIKQILLGIQELLNEPNIQDPAQAEAYTIYCQNRVEYEKRVRAQAKKFAPS
;
A,B
2 'polypeptide(L)'
;AEPVQEELSVLAAIFCRPHEWEVLSRSETDGTVFRIHTKAEGFMDVDIPLELVFHLPVNYPSCLPGISINSEQLTRAQCV
TVKEKLLEQAESLLSEPMVHELVLWIQENLRHA
;
C
#
# COMPACT_ATOMS: atom_id res chain seq x y z
N MET A 1 -14.13 -21.48 2.36
CA MET A 1 -13.01 -20.58 2.56
C MET A 1 -12.19 -20.96 3.81
N SER A 2 -11.08 -21.65 3.59
CA SER A 2 -10.18 -22.03 4.67
C SER A 2 -9.22 -20.89 5.01
N GLY A 3 -9.34 -20.34 6.22
CA GLY A 3 -8.53 -19.20 6.62
C GLY A 3 -7.05 -19.49 6.70
N ILE A 4 -6.71 -20.61 7.32
CA ILE A 4 -5.33 -21.00 7.52
C ILE A 4 -4.65 -21.23 6.17
N ALA A 5 -5.40 -21.86 5.27
CA ALA A 5 -4.91 -22.18 3.93
C ALA A 5 -4.70 -20.92 3.12
N LEU A 6 -5.75 -20.11 3.00
CA LEU A 6 -5.68 -18.90 2.19
C LEU A 6 -4.61 -17.93 2.70
N SER A 7 -4.42 -17.90 4.02
CA SER A 7 -3.40 -17.01 4.58
C SER A 7 -2.01 -17.48 4.17
N ARG A 8 -1.77 -18.78 4.36
CA ARG A 8 -0.46 -19.31 4.01
C ARG A 8 -0.17 -19.14 2.51
N LEU A 9 -1.18 -19.45 1.70
CA LEU A 9 -1.05 -19.34 0.25
C LEU A 9 -0.78 -17.91 -0.21
N ALA A 10 -1.39 -16.93 0.45
CA ALA A 10 -1.13 -15.54 0.10
C ALA A 10 0.30 -15.14 0.43
N GLN A 11 0.84 -15.67 1.53
CA GLN A 11 2.26 -15.38 1.76
C GLN A 11 3.18 -16.16 0.83
N GLU A 12 2.74 -17.33 0.36
CA GLU A 12 3.56 -18.08 -0.58
C GLU A 12 3.64 -17.28 -1.87
N ARG A 13 2.53 -16.65 -2.20
CA ARG A 13 2.44 -15.88 -3.43
C ARG A 13 3.40 -14.69 -3.35
N LYS A 14 3.31 -13.93 -2.26
CA LYS A 14 4.15 -12.74 -2.17
C LYS A 14 5.64 -13.09 -2.11
N ALA A 15 5.95 -14.19 -1.41
CA ALA A 15 7.34 -14.66 -1.33
C ALA A 15 7.87 -15.11 -2.69
N TRP A 16 7.00 -15.77 -3.47
CA TRP A 16 7.36 -16.22 -4.81
C TRP A 16 7.63 -15.03 -5.72
N ARG A 17 6.80 -14.00 -5.60
CA ARG A 17 6.95 -12.81 -6.43
C ARG A 17 8.23 -12.06 -6.07
N LYS A 18 8.58 -12.02 -4.79
CA LYS A 18 9.80 -11.35 -4.38
C LYS A 18 11.05 -12.09 -4.86
N ASP A 19 11.06 -13.41 -4.69
CA ASP A 19 12.19 -14.23 -5.14
C ASP A 19 11.78 -15.65 -5.48
N HIS A 20 12.17 -16.11 -6.67
CA HIS A 20 11.93 -17.48 -7.10
C HIS A 20 12.96 -17.91 -8.14
N PRO A 21 13.19 -19.23 -8.27
CA PRO A 21 14.20 -19.73 -9.21
C PRO A 21 13.90 -19.36 -10.66
N PHE A 22 14.95 -19.28 -11.48
CA PHE A 22 14.84 -18.80 -12.85
C PHE A 22 14.22 -19.86 -13.75
N GLY A 23 13.25 -19.43 -14.57
CA GLY A 23 12.58 -20.32 -15.49
C GLY A 23 11.37 -21.00 -14.86
N PHE A 24 11.13 -20.73 -13.59
CA PHE A 24 10.00 -21.30 -12.87
C PHE A 24 8.83 -20.33 -12.84
N VAL A 25 7.62 -20.88 -12.97
CA VAL A 25 6.40 -20.09 -12.92
C VAL A 25 5.47 -20.63 -11.85
N ALA A 26 4.94 -19.75 -11.01
CA ALA A 26 3.88 -20.13 -10.08
C ALA A 26 2.88 -18.99 -9.92
N VAL A 27 1.74 -19.13 -10.60
CA VAL A 27 0.70 -18.11 -10.60
C VAL A 27 -0.65 -18.72 -10.25
N PRO A 28 -1.34 -18.14 -9.26
CA PRO A 28 -2.70 -18.58 -8.93
C PRO A 28 -3.65 -18.41 -10.11
N THR A 29 -4.53 -19.39 -10.30
CA THR A 29 -5.47 -19.41 -11.41
C THR A 29 -6.60 -18.42 -11.18
N LYS A 30 -7.40 -18.20 -12.21
CA LYS A 30 -8.48 -17.24 -12.11
C LYS A 30 -9.83 -17.93 -12.07
N ASN A 31 -10.66 -17.48 -11.13
CA ASN A 31 -11.98 -18.04 -10.91
C ASN A 31 -12.91 -17.57 -12.02
N PRO A 32 -14.06 -18.26 -12.20
CA PRO A 32 -15.01 -17.80 -13.20
C PRO A 32 -15.48 -16.37 -12.88
N ASP A 33 -15.57 -16.05 -11.59
CA ASP A 33 -15.90 -14.71 -11.13
C ASP A 33 -14.92 -13.67 -11.69
N GLY A 34 -13.66 -14.07 -11.86
CA GLY A 34 -12.63 -13.15 -12.31
C GLY A 34 -11.71 -12.79 -11.15
N THR A 35 -11.97 -13.41 -10.00
CA THR A 35 -11.14 -13.24 -8.82
C THR A 35 -9.93 -14.16 -8.87
N MET A 36 -9.18 -14.22 -7.77
CA MET A 36 -7.99 -15.04 -7.72
C MET A 36 -8.25 -16.30 -6.89
N ASN A 37 -7.90 -17.44 -7.48
CA ASN A 37 -8.03 -18.72 -6.79
C ASN A 37 -6.68 -19.15 -6.22
N LEU A 38 -6.51 -18.97 -4.92
CA LEU A 38 -5.25 -19.31 -4.27
C LEU A 38 -5.13 -20.81 -4.08
N MET A 39 -6.27 -21.50 -4.11
CA MET A 39 -6.29 -22.95 -3.89
C MET A 39 -5.85 -23.70 -5.14
N ASN A 40 -5.85 -23.01 -6.28
CA ASN A 40 -5.46 -23.62 -7.55
C ASN A 40 -4.40 -22.78 -8.25
N TRP A 41 -3.26 -23.39 -8.57
CA TRP A 41 -2.15 -22.68 -9.18
C TRP A 41 -1.73 -23.29 -10.51
N GLU A 42 -1.34 -22.43 -11.45
CA GLU A 42 -0.75 -22.85 -12.71
C GLU A 42 0.75 -22.62 -12.66
N CYS A 43 1.51 -23.70 -12.74
CA CYS A 43 2.95 -23.65 -12.58
C CYS A 43 3.67 -24.26 -13.78
N ALA A 44 4.96 -23.93 -13.91
CA ALA A 44 5.80 -24.50 -14.96
C ALA A 44 7.20 -24.79 -14.43
N ILE A 45 7.75 -25.94 -14.80
CA ILE A 45 9.08 -26.34 -14.39
C ILE A 45 9.98 -26.56 -15.59
N PRO A 46 11.13 -25.87 -15.64
CA PRO A 46 12.14 -26.04 -16.68
C PRO A 46 13.11 -27.17 -16.34
N GLY A 47 13.59 -27.90 -17.34
CA GLY A 47 14.58 -28.93 -17.10
C GLY A 47 15.93 -28.33 -16.72
N LYS A 48 16.57 -28.94 -15.72
CA LYS A 48 17.91 -28.56 -15.26
C LYS A 48 18.94 -28.84 -16.36
N LYS A 49 20.00 -28.06 -16.53
CA LYS A 49 20.88 -28.40 -17.65
C LYS A 49 22.01 -29.22 -17.07
N GLY A 50 22.66 -29.97 -17.96
CA GLY A 50 23.37 -31.20 -17.71
C GLY A 50 22.48 -32.43 -17.83
N THR A 51 21.24 -32.26 -18.32
CA THR A 51 20.27 -33.38 -18.36
C THR A 51 19.53 -33.61 -19.71
N PRO A 52 18.86 -34.76 -19.86
CA PRO A 52 18.02 -34.99 -21.06
C PRO A 52 16.68 -34.23 -21.10
N TRP A 53 16.23 -33.70 -19.97
CA TRP A 53 14.92 -33.06 -19.86
C TRP A 53 14.77 -31.60 -20.26
N GLU A 54 15.77 -31.04 -20.92
CA GLU A 54 15.85 -29.60 -21.12
C GLU A 54 15.51 -29.03 -22.49
N GLY A 55 15.41 -27.71 -22.47
CA GLY A 55 14.77 -26.92 -23.50
C GLY A 55 13.29 -27.11 -23.31
N GLY A 56 12.92 -28.02 -22.42
CA GLY A 56 11.53 -28.29 -22.14
C GLY A 56 11.02 -27.46 -20.99
N LEU A 57 9.81 -26.94 -21.16
CA LEU A 57 9.11 -26.25 -20.10
C LEU A 57 7.83 -27.02 -19.82
N PHE A 58 7.75 -27.64 -18.65
CA PHE A 58 6.69 -28.59 -18.39
C PHE A 58 5.68 -28.04 -17.41
N LYS A 59 4.42 -28.00 -17.84
CA LYS A 59 3.40 -27.32 -17.06
C LYS A 59 2.73 -28.29 -16.10
N LEU A 60 2.53 -27.81 -14.88
CA LEU A 60 1.97 -28.61 -13.81
C LEU A 60 1.00 -27.73 -13.03
N ARG A 61 -0.07 -28.32 -12.54
CA ARG A 61 -1.06 -27.61 -11.76
C ARG A 61 -0.92 -28.02 -10.29
N MET A 62 -0.98 -27.02 -9.40
CA MET A 62 -0.85 -27.29 -7.98
C MET A 62 -2.19 -27.05 -7.30
N LEU A 63 -2.67 -28.04 -6.56
CA LEU A 63 -3.99 -27.95 -5.94
C LEU A 63 -3.91 -28.11 -4.43
N PHE A 64 -4.59 -27.25 -3.71
CA PHE A 64 -4.51 -27.28 -2.25
C PHE A 64 -5.84 -27.64 -1.60
N LYS A 65 -5.78 -28.52 -0.61
CA LYS A 65 -6.94 -28.88 0.18
C LYS A 65 -7.17 -27.81 1.25
N ASP A 66 -8.35 -27.82 1.86
CA ASP A 66 -8.71 -26.83 2.86
C ASP A 66 -7.85 -26.93 4.12
N ASP A 67 -7.27 -28.10 4.36
CA ASP A 67 -6.43 -28.28 5.55
C ASP A 67 -4.97 -27.99 5.28
N TYR A 68 -4.65 -27.47 4.09
CA TYR A 68 -3.32 -26.97 3.82
C TYR A 68 -3.01 -25.86 4.82
N PRO A 69 -1.77 -25.84 5.36
CA PRO A 69 -0.61 -26.67 5.01
C PRO A 69 -0.41 -27.92 5.87
N SER A 70 -1.48 -28.52 6.39
CA SER A 70 -1.32 -29.77 7.13
C SER A 70 -1.27 -30.97 6.21
N SER A 71 -1.83 -30.80 5.02
CA SER A 71 -1.65 -31.76 3.95
C SER A 71 -0.72 -31.16 2.91
N PRO A 72 -0.04 -32.02 2.14
CA PRO A 72 0.76 -31.47 1.04
C PRO A 72 -0.15 -31.15 -0.13
N PRO A 73 0.28 -30.26 -1.03
CA PRO A 73 -0.54 -30.01 -2.22
C PRO A 73 -0.51 -31.20 -3.17
N LYS A 74 -1.50 -31.28 -4.04
CA LYS A 74 -1.50 -32.27 -5.09
C LYS A 74 -0.91 -31.64 -6.36
N CYS A 75 0.22 -32.17 -6.80
CA CYS A 75 0.91 -31.62 -7.95
C CYS A 75 0.67 -32.53 -9.14
N LYS A 76 -0.06 -32.02 -10.13
CA LYS A 76 -0.48 -32.83 -11.27
C LYS A 76 -0.03 -32.23 -12.59
N PHE A 77 0.70 -33.00 -13.39
CA PHE A 77 1.15 -32.52 -14.69
C PHE A 77 0.02 -32.47 -15.70
N GLU A 78 -0.19 -31.31 -16.30
CA GLU A 78 -1.15 -31.17 -17.39
C GLU A 78 -0.47 -30.50 -18.59
N PRO A 79 -0.29 -31.27 -19.68
CA PRO A 79 -0.67 -32.67 -19.88
C PRO A 79 0.21 -33.65 -19.11
N PRO A 80 -0.28 -34.89 -18.90
CA PRO A 80 0.49 -35.89 -18.16
C PRO A 80 1.82 -36.24 -18.84
N LEU A 81 2.82 -36.56 -18.05
CA LEU A 81 4.17 -36.76 -18.57
C LEU A 81 4.58 -38.23 -18.61
N PHE A 82 5.62 -38.52 -19.39
CA PHE A 82 6.22 -39.85 -19.43
C PHE A 82 7.35 -39.93 -18.41
N HIS A 83 7.03 -40.42 -17.21
CA HIS A 83 8.02 -40.55 -16.14
C HIS A 83 7.65 -41.70 -15.23
N PRO A 84 8.67 -42.42 -14.72
CA PRO A 84 8.45 -43.57 -13.83
C PRO A 84 7.68 -43.22 -12.56
N ASN A 85 7.83 -41.99 -12.08
CA ASN A 85 7.21 -41.58 -10.82
C ASN A 85 6.02 -40.65 -11.02
N VAL A 86 5.54 -40.55 -12.26
CA VAL A 86 4.37 -39.74 -12.55
C VAL A 86 3.21 -40.61 -12.97
N TYR A 87 2.08 -40.43 -12.31
CA TYR A 87 0.89 -41.23 -12.57
C TYR A 87 0.27 -40.87 -13.93
N PRO A 88 -0.56 -41.78 -14.48
CA PRO A 88 -1.20 -41.52 -15.78
C PRO A 88 -2.07 -40.26 -15.78
N SER A 89 -2.45 -39.77 -14.61
CA SER A 89 -3.22 -38.54 -14.50
C SER A 89 -2.30 -37.33 -14.43
N GLY A 90 -1.00 -37.57 -14.39
CA GLY A 90 -0.03 -36.50 -14.30
C GLY A 90 0.33 -36.15 -12.86
N THR A 91 -0.29 -36.85 -11.92
CA THR A 91 0.00 -36.64 -10.51
C THR A 91 1.43 -37.08 -10.18
N VAL A 92 2.12 -36.30 -9.36
CA VAL A 92 3.51 -36.57 -9.03
C VAL A 92 3.61 -37.42 -7.76
N CYS A 93 4.38 -38.51 -7.84
CA CYS A 93 4.59 -39.39 -6.71
C CYS A 93 5.91 -39.07 -6.00
N LEU A 94 5.83 -38.27 -4.95
CA LEU A 94 7.02 -37.85 -4.21
C LEU A 94 6.78 -37.97 -2.71
N SER A 95 7.83 -38.31 -1.97
CA SER A 95 7.71 -38.57 -0.53
C SER A 95 7.29 -37.31 0.23
N ILE A 96 7.83 -36.16 -0.18
CA ILE A 96 7.52 -34.90 0.48
C ILE A 96 6.12 -34.45 0.10
N LEU A 97 5.51 -35.13 -0.87
CA LEU A 97 4.15 -34.82 -1.30
C LEU A 97 3.16 -35.77 -0.64
N GLU A 98 3.61 -36.44 0.41
CA GLU A 98 2.77 -37.36 1.17
C GLU A 98 2.80 -37.07 2.66
N GLU A 99 1.61 -36.96 3.24
CA GLU A 99 1.44 -36.57 4.64
C GLU A 99 2.08 -37.58 5.59
N ASP A 100 1.84 -38.86 5.36
CA ASP A 100 2.39 -39.90 6.21
C ASP A 100 3.89 -40.11 6.04
N LYS A 101 4.49 -39.39 5.09
CA LYS A 101 5.93 -39.52 4.84
C LYS A 101 6.70 -38.25 5.17
N ASP A 102 7.31 -37.65 4.16
CA ASP A 102 8.19 -36.50 4.37
C ASP A 102 7.55 -35.13 4.11
N TRP A 103 6.22 -35.05 4.10
CA TRP A 103 5.59 -33.74 4.01
C TRP A 103 5.70 -32.99 5.33
N ARG A 104 6.08 -31.72 5.23
CA ARG A 104 6.09 -30.82 6.37
C ARG A 104 5.39 -29.53 5.98
N PRO A 105 4.64 -28.94 6.91
CA PRO A 105 3.94 -27.68 6.62
C PRO A 105 4.89 -26.52 6.33
N ALA A 106 6.14 -26.64 6.76
CA ALA A 106 7.13 -25.60 6.55
C ALA A 106 7.62 -25.53 5.10
N ILE A 107 7.38 -26.59 4.34
CA ILE A 107 7.84 -26.67 2.96
C ILE A 107 7.12 -25.67 2.06
N THR A 108 7.91 -24.88 1.32
CA THR A 108 7.38 -23.84 0.45
C THR A 108 7.08 -24.37 -0.95
N ILE A 109 6.29 -23.62 -1.70
CA ILE A 109 5.96 -23.96 -3.08
C ILE A 109 7.23 -24.04 -3.93
N LYS A 110 8.17 -23.16 -3.63
CA LYS A 110 9.46 -23.12 -4.30
C LYS A 110 10.23 -24.43 -4.12
N GLN A 111 10.27 -24.90 -2.87
CA GLN A 111 10.96 -26.14 -2.54
C GLN A 111 10.31 -27.33 -3.24
N ILE A 112 9.00 -27.31 -3.31
CA ILE A 112 8.25 -28.37 -3.99
C ILE A 112 8.62 -28.43 -5.46
N LEU A 113 8.57 -27.27 -6.12
CA LEU A 113 8.85 -27.22 -7.55
C LEU A 113 10.28 -27.67 -7.82
N LEU A 114 11.20 -27.28 -6.94
CA LEU A 114 12.59 -27.70 -7.09
C LEU A 114 12.74 -29.22 -6.91
N GLY A 115 12.02 -29.78 -5.94
CA GLY A 115 12.08 -31.21 -5.70
C GLY A 115 11.53 -32.03 -6.85
N ILE A 116 10.45 -31.54 -7.47
CA ILE A 116 9.88 -32.23 -8.63
C ILE A 116 10.85 -32.15 -9.80
N GLN A 117 11.47 -30.98 -9.96
CA GLN A 117 12.46 -30.81 -11.02
C GLN A 117 13.62 -31.77 -10.81
N GLU A 118 14.02 -31.97 -9.57
CA GLU A 118 15.05 -32.94 -9.24
C GLU A 118 14.58 -34.34 -9.59
N LEU A 119 13.31 -34.62 -9.35
CA LEU A 119 12.75 -35.95 -9.60
C LEU A 119 12.74 -36.26 -11.10
N LEU A 120 12.70 -35.22 -11.93
CA LEU A 120 12.60 -35.44 -13.37
C LEU A 120 13.76 -36.26 -13.96
N ASN A 121 15.00 -35.94 -13.59
CA ASN A 121 16.15 -36.66 -14.11
C ASN A 121 16.68 -37.71 -13.13
N GLU A 122 16.10 -37.74 -11.94
CA GLU A 122 16.50 -38.72 -10.93
C GLU A 122 15.30 -39.49 -10.39
N PRO A 123 14.78 -40.42 -11.21
CA PRO A 123 13.61 -41.22 -10.81
C PRO A 123 13.87 -42.06 -9.56
N ASN A 124 12.82 -42.35 -8.81
CA ASN A 124 12.93 -43.19 -7.62
C ASN A 124 12.48 -44.61 -7.92
N ILE A 125 13.37 -45.56 -7.70
CA ILE A 125 13.09 -46.97 -8.00
C ILE A 125 11.99 -47.56 -7.11
N GLN A 126 11.76 -46.95 -5.96
CA GLN A 126 10.82 -47.49 -4.99
C GLN A 126 9.40 -46.95 -5.16
N ASP A 127 9.20 -46.08 -6.14
CA ASP A 127 7.88 -45.47 -6.32
C ASP A 127 7.38 -45.53 -7.77
N PRO A 128 7.01 -46.73 -8.24
CA PRO A 128 6.43 -46.85 -9.58
C PRO A 128 5.04 -46.24 -9.65
N ALA A 129 4.83 -45.29 -10.56
CA ALA A 129 3.53 -44.65 -10.71
C ALA A 129 3.01 -44.87 -12.13
N GLN A 130 3.94 -45.06 -13.06
CA GLN A 130 3.60 -45.40 -14.44
C GLN A 130 4.34 -46.68 -14.79
N ALA A 131 3.62 -47.71 -15.21
CA ALA A 131 4.20 -49.03 -15.39
C ALA A 131 5.23 -49.12 -16.53
N GLU A 132 4.82 -48.71 -17.72
CA GLU A 132 5.68 -48.84 -18.90
C GLU A 132 6.94 -48.00 -18.76
N ALA A 133 6.79 -46.75 -18.36
CA ALA A 133 7.92 -45.84 -18.18
C ALA A 133 8.90 -46.41 -17.16
N TYR A 134 8.36 -46.98 -16.09
CA TYR A 134 9.17 -47.57 -15.03
C TYR A 134 9.98 -48.76 -15.53
N THR A 135 9.29 -49.66 -16.24
CA THR A 135 9.92 -50.88 -16.74
C THR A 135 11.02 -50.55 -17.73
N ILE A 136 10.71 -49.67 -18.67
CA ILE A 136 11.68 -49.23 -19.67
C ILE A 136 12.87 -48.56 -18.99
N TYR A 137 12.57 -47.74 -17.98
CA TYR A 137 13.63 -47.05 -17.24
C TYR A 137 14.58 -48.04 -16.61
N CYS A 138 14.05 -49.10 -16.01
CA CYS A 138 14.91 -50.08 -15.38
C CYS A 138 15.73 -50.89 -16.39
N GLN A 139 15.06 -51.49 -17.38
CA GLN A 139 15.75 -52.38 -18.30
C GLN A 139 16.52 -51.73 -19.44
N ASN A 140 15.84 -50.88 -20.21
CA ASN A 140 16.45 -50.28 -21.39
C ASN A 140 16.35 -48.76 -21.35
N ARG A 141 17.34 -48.17 -20.70
CA ARG A 141 17.36 -46.74 -20.43
C ARG A 141 17.65 -45.92 -21.69
N VAL A 142 18.24 -46.56 -22.69
CA VAL A 142 18.51 -45.91 -23.96
C VAL A 142 17.22 -45.43 -24.64
N GLU A 143 16.24 -46.33 -24.73
CA GLU A 143 14.92 -45.97 -25.25
C GLU A 143 14.18 -45.02 -24.34
N TYR A 144 14.42 -45.17 -23.04
CA TYR A 144 13.78 -44.32 -22.06
C TYR A 144 14.20 -42.88 -22.27
N GLU A 145 15.51 -42.67 -22.39
CA GLU A 145 16.04 -41.33 -22.61
C GLU A 145 15.75 -40.84 -24.02
N LYS A 146 15.56 -41.77 -24.96
CA LYS A 146 15.15 -41.37 -26.30
C LYS A 146 13.77 -40.71 -26.22
N ARG A 147 12.87 -41.38 -25.50
CA ARG A 147 11.53 -40.87 -25.31
C ARG A 147 11.57 -39.57 -24.52
N VAL A 148 12.46 -39.50 -23.54
CA VAL A 148 12.59 -38.31 -22.71
C VAL A 148 13.03 -37.11 -23.54
N ARG A 149 14.03 -37.30 -24.40
CA ARG A 149 14.48 -36.20 -25.26
C ARG A 149 13.41 -35.78 -26.26
N ALA A 150 12.68 -36.75 -26.83
CA ALA A 150 11.61 -36.41 -27.76
C ALA A 150 10.53 -35.59 -27.05
N GLN A 151 10.23 -35.98 -25.81
CA GLN A 151 9.24 -35.28 -25.00
C GLN A 151 9.71 -33.90 -24.57
N ALA A 152 11.00 -33.79 -24.27
CA ALA A 152 11.61 -32.53 -23.85
C ALA A 152 11.59 -31.53 -24.99
N LYS A 153 11.84 -32.02 -26.19
CA LYS A 153 11.80 -31.16 -27.36
C LYS A 153 10.35 -30.80 -27.69
N LYS A 154 9.43 -31.72 -27.43
CA LYS A 154 8.02 -31.48 -27.73
C LYS A 154 7.43 -30.38 -26.86
N PHE A 155 7.96 -30.25 -25.64
CA PHE A 155 7.44 -29.30 -24.66
C PHE A 155 8.34 -28.08 -24.51
N ALA A 156 9.11 -27.80 -25.56
CA ALA A 156 9.92 -26.59 -25.61
C ALA A 156 9.05 -25.43 -26.05
N PRO A 157 9.03 -24.35 -25.25
CA PRO A 157 8.22 -23.17 -25.53
C PRO A 157 8.60 -22.45 -26.83
N SER A 158 7.82 -21.44 -27.19
CA SER A 158 8.06 -20.68 -28.41
C SER A 158 9.10 -19.58 -28.19
N MET B 1 14.07 18.06 1.12
CA MET B 1 12.92 17.56 0.37
C MET B 1 11.65 17.66 1.21
N SER B 2 11.75 18.37 2.33
CA SER B 2 10.60 18.57 3.20
C SER B 2 9.68 19.70 2.72
N GLY B 3 10.18 20.58 1.85
CA GLY B 3 9.39 21.71 1.40
C GLY B 3 8.17 21.33 0.58
N ILE B 4 8.39 20.44 -0.40
CA ILE B 4 7.31 19.99 -1.27
C ILE B 4 6.28 19.23 -0.43
N ALA B 5 6.78 18.52 0.58
CA ALA B 5 5.93 17.75 1.47
C ALA B 5 5.07 18.63 2.38
N LEU B 6 5.71 19.53 3.15
CA LEU B 6 4.96 20.37 4.08
C LEU B 6 3.96 21.23 3.34
N SER B 7 4.35 21.64 2.13
CA SER B 7 3.41 22.40 1.31
C SER B 7 2.26 21.53 0.87
N ARG B 8 2.55 20.31 0.45
CA ARG B 8 1.51 19.43 -0.04
C ARG B 8 0.50 19.10 1.07
N LEU B 9 1.00 18.83 2.26
CA LEU B 9 0.14 18.52 3.40
C LEU B 9 -0.73 19.74 3.69
N ALA B 10 -0.12 20.90 3.48
CA ALA B 10 -0.86 22.14 3.59
C ALA B 10 -1.90 22.28 2.46
N GLN B 11 -1.68 21.72 1.27
CA GLN B 11 -2.77 21.78 0.27
C GLN B 11 -3.86 20.82 0.71
N GLU B 12 -3.47 19.77 1.41
CA GLU B 12 -4.44 18.78 1.82
C GLU B 12 -5.41 19.33 2.87
N ARG B 13 -4.85 20.12 3.79
CA ARG B 13 -5.62 20.57 4.94
C ARG B 13 -6.80 21.52 4.65
N LYS B 14 -6.55 22.62 3.95
CA LYS B 14 -7.61 23.59 3.70
C LYS B 14 -8.68 23.05 2.76
N ALA B 15 -8.26 22.19 1.82
CA ALA B 15 -9.21 21.52 0.95
C ALA B 15 -10.08 20.61 1.79
N TRP B 16 -9.48 19.97 2.80
CA TRP B 16 -10.24 19.12 3.71
C TRP B 16 -11.24 19.92 4.54
N ARG B 17 -10.83 21.08 5.04
CA ARG B 17 -11.71 21.90 5.88
C ARG B 17 -12.84 22.54 5.08
N LYS B 18 -12.55 22.92 3.83
CA LYS B 18 -13.56 23.47 2.93
C LYS B 18 -14.60 22.44 2.57
N ASP B 19 -14.14 21.22 2.25
CA ASP B 19 -15.05 20.14 1.94
C ASP B 19 -14.42 18.78 2.24
N HIS B 20 -15.16 17.96 2.99
CA HIS B 20 -14.71 16.60 3.30
C HIS B 20 -15.93 15.71 3.56
N PRO B 21 -15.77 14.39 3.36
CA PRO B 21 -16.89 13.46 3.56
C PRO B 21 -17.43 13.48 4.99
N PHE B 22 -18.71 13.16 5.14
CA PHE B 22 -19.40 13.29 6.42
C PHE B 22 -18.98 12.20 7.41
N GLY B 23 -18.68 12.61 8.63
CA GLY B 23 -18.29 11.69 9.69
C GLY B 23 -16.80 11.41 9.71
N PHE B 24 -16.07 12.00 8.78
CA PHE B 24 -14.63 11.79 8.68
C PHE B 24 -13.85 12.91 9.38
N VAL B 25 -12.75 12.53 10.02
CA VAL B 25 -11.87 13.48 10.70
C VAL B 25 -10.44 13.34 10.19
N ALA B 26 -9.83 14.47 9.86
CA ALA B 26 -8.40 14.50 9.54
C ALA B 26 -7.77 15.78 10.06
N VAL B 27 -7.05 15.68 11.17
CA VAL B 27 -6.45 16.85 11.79
C VAL B 27 -4.97 16.66 12.07
N PRO B 28 -4.14 17.59 11.55
CA PRO B 28 -2.71 17.58 11.89
C PRO B 28 -2.49 17.83 13.38
N THR B 29 -1.56 17.12 14.00
CA THR B 29 -1.34 17.29 15.43
C THR B 29 -0.57 18.58 15.66
N LYS B 30 -0.56 19.07 16.89
CA LYS B 30 0.10 20.32 17.19
C LYS B 30 1.28 20.16 18.15
N ASN B 31 2.39 20.82 17.85
CA ASN B 31 3.60 20.71 18.67
C ASN B 31 3.51 21.50 19.98
N PRO B 32 4.33 21.13 20.98
CA PRO B 32 4.36 21.85 22.27
C PRO B 32 4.82 23.31 22.17
N ASP B 33 5.80 23.59 21.31
CA ASP B 33 6.26 24.95 21.06
C ASP B 33 5.16 25.90 20.59
N GLY B 34 4.16 25.34 19.91
CA GLY B 34 3.13 26.12 19.27
C GLY B 34 3.13 26.05 17.75
N THR B 35 3.98 25.22 17.16
CA THR B 35 3.92 24.99 15.71
C THR B 35 2.92 23.90 15.35
N MET B 36 2.82 23.61 14.05
CA MET B 36 1.93 22.58 13.52
C MET B 36 2.71 21.38 12.96
N ASN B 37 2.31 20.16 13.30
CA ASN B 37 2.95 19.00 12.69
C ASN B 37 2.11 18.46 11.54
N LEU B 38 2.49 18.82 10.32
CA LEU B 38 1.76 18.39 9.13
C LEU B 38 2.10 16.96 8.74
N MET B 39 3.27 16.49 9.19
CA MET B 39 3.74 15.16 8.85
C MET B 39 3.02 14.09 9.67
N ASN B 40 2.34 14.53 10.73
CA ASN B 40 1.61 13.61 11.60
C ASN B 40 0.17 14.07 11.79
N TRP B 41 -0.78 13.20 11.46
CA TRP B 41 -2.20 13.52 11.52
C TRP B 41 -2.96 12.57 12.43
N GLU B 42 -3.94 13.10 13.14
CA GLU B 42 -4.89 12.26 13.89
C GLU B 42 -6.22 12.25 13.15
N CYS B 43 -6.61 11.07 12.68
CA CYS B 43 -7.80 10.92 11.85
C CYS B 43 -8.80 9.94 12.44
N ALA B 44 -10.03 10.02 11.96
CA ALA B 44 -11.09 9.10 12.36
C ALA B 44 -11.96 8.70 11.16
N ILE B 45 -12.32 7.43 11.10
CA ILE B 45 -13.15 6.91 10.01
C ILE B 45 -14.45 6.33 10.54
N PRO B 46 -15.59 6.79 10.01
CA PRO B 46 -16.87 6.26 10.44
C PRO B 46 -17.24 4.98 9.72
N GLY B 47 -17.89 4.06 10.42
CA GLY B 47 -18.33 2.84 9.80
C GLY B 47 -19.49 3.07 8.86
N LYS B 48 -19.45 2.43 7.69
CA LYS B 48 -20.53 2.51 6.73
C LYS B 48 -21.79 1.90 7.33
N LYS B 49 -22.95 2.42 6.97
CA LYS B 49 -24.18 1.92 7.56
C LYS B 49 -24.86 0.91 6.64
N GLY B 50 -25.69 0.06 7.24
CA GLY B 50 -26.09 -1.19 6.62
C GLY B 50 -25.04 -2.27 6.84
N THR B 51 -24.07 -1.99 7.70
CA THR B 51 -22.95 -2.90 7.93
C THR B 51 -22.77 -3.16 9.43
N PRO B 52 -21.96 -4.17 9.80
CA PRO B 52 -21.70 -4.37 11.24
C PRO B 52 -20.84 -3.27 11.83
N TRP B 53 -20.21 -2.48 10.96
CA TRP B 53 -19.31 -1.40 11.38
C TRP B 53 -20.09 -0.14 11.70
N GLU B 54 -21.41 -0.26 11.86
CA GLU B 54 -22.27 0.89 11.87
C GLU B 54 -22.38 1.47 13.28
N GLY B 55 -22.63 2.77 13.36
CA GLY B 55 -22.50 3.51 14.61
C GLY B 55 -21.08 3.70 15.12
N GLY B 56 -20.10 3.06 14.49
CA GLY B 56 -18.73 3.16 14.95
C GLY B 56 -17.85 4.25 14.35
N LEU B 57 -17.02 4.86 15.20
CA LEU B 57 -16.02 5.82 14.75
C LEU B 57 -14.63 5.35 15.17
N PHE B 58 -13.81 4.98 14.18
CA PHE B 58 -12.54 4.30 14.44
C PHE B 58 -11.33 5.17 14.15
N LYS B 59 -10.48 5.33 15.17
CA LYS B 59 -9.39 6.30 15.13
C LYS B 59 -8.07 5.73 14.63
N LEU B 60 -7.40 6.49 13.75
CA LEU B 60 -6.13 6.08 13.16
C LEU B 60 -5.19 7.27 13.00
N ARG B 61 -3.89 7.02 13.08
CA ARG B 61 -2.86 8.03 12.92
C ARG B 61 -2.17 7.90 11.57
N MET B 62 -1.95 9.05 10.92
CA MET B 62 -1.30 9.10 9.61
C MET B 62 0.09 9.71 9.71
N LEU B 63 1.08 9.02 9.16
CA LEU B 63 2.45 9.52 9.23
C LEU B 63 3.04 9.70 7.83
N PHE B 64 3.66 10.84 7.59
CA PHE B 64 4.19 11.14 6.26
C PHE B 64 5.71 11.22 6.30
N LYS B 65 6.36 10.59 5.33
CA LYS B 65 7.80 10.66 5.21
C LYS B 65 8.20 11.96 4.52
N ASP B 66 9.48 12.32 4.61
CA ASP B 66 9.97 13.57 4.05
C ASP B 66 9.87 13.62 2.53
N ASP B 67 9.83 12.45 1.88
CA ASP B 67 9.76 12.40 0.43
C ASP B 67 8.31 12.36 -0.08
N TYR B 68 7.36 12.55 0.84
CA TYR B 68 5.96 12.72 0.48
C TYR B 68 5.87 13.93 -0.46
N PRO B 69 5.01 13.88 -1.48
CA PRO B 69 4.00 12.84 -1.73
C PRO B 69 4.35 11.72 -2.70
N SER B 70 5.64 11.42 -2.93
CA SER B 70 5.96 10.28 -3.79
C SER B 70 5.98 8.99 -3.00
N SER B 71 6.07 9.11 -1.68
CA SER B 71 5.87 7.96 -0.81
C SER B 71 4.47 8.03 -0.18
N PRO B 72 3.89 6.88 0.15
CA PRO B 72 2.58 6.84 0.80
C PRO B 72 2.68 7.05 2.31
N PRO B 73 1.57 7.47 2.94
CA PRO B 73 1.57 7.60 4.40
C PRO B 73 1.55 6.24 5.08
N LYS B 74 2.00 6.20 6.33
CA LYS B 74 1.84 5.01 7.16
C LYS B 74 0.60 5.23 8.02
N CYS B 75 -0.40 4.37 7.81
CA CYS B 75 -1.68 4.50 8.48
C CYS B 75 -1.83 3.44 9.58
N LYS B 76 -1.88 3.89 10.84
CA LYS B 76 -1.93 2.97 11.97
C LYS B 76 -3.15 3.21 12.86
N PHE B 77 -3.97 2.19 13.08
CA PHE B 77 -5.13 2.33 13.95
C PHE B 77 -4.71 2.36 15.42
N GLU B 78 -5.10 3.42 16.13
CA GLU B 78 -4.92 3.46 17.57
C GLU B 78 -6.24 3.84 18.26
N PRO B 79 -6.83 2.88 19.01
CA PRO B 79 -6.29 1.54 19.28
C PRO B 79 -6.34 0.60 18.08
N PRO B 80 -5.52 -0.46 18.07
CA PRO B 80 -5.51 -1.42 16.96
C PRO B 80 -6.86 -2.10 16.81
N LEU B 81 -7.25 -2.43 15.58
CA LEU B 81 -8.58 -2.94 15.31
C LEU B 81 -8.62 -4.44 15.07
N PHE B 82 -9.83 -5.00 15.16
CA PHE B 82 -10.07 -6.39 14.80
C PHE B 82 -10.48 -6.44 13.33
N HIS B 83 -9.50 -6.65 12.46
CA HIS B 83 -9.74 -6.71 11.03
C HIS B 83 -8.70 -7.60 10.36
N PRO B 84 -9.12 -8.36 9.33
CA PRO B 84 -8.22 -9.27 8.62
C PRO B 84 -6.99 -8.56 8.02
N ASN B 85 -7.14 -7.29 7.66
CA ASN B 85 -6.07 -6.57 6.98
C ASN B 85 -5.37 -5.54 7.88
N VAL B 86 -5.60 -5.63 9.18
CA VAL B 86 -4.95 -4.72 10.12
C VAL B 86 -4.00 -5.49 11.04
N TYR B 87 -2.75 -5.04 11.11
CA TYR B 87 -1.73 -5.72 11.90
C TYR B 87 -2.00 -5.54 13.39
N PRO B 88 -1.42 -6.41 14.23
CA PRO B 88 -1.56 -6.27 15.69
C PRO B 88 -1.01 -4.94 16.19
N SER B 89 -0.18 -4.29 15.39
CA SER B 89 0.37 -2.99 15.72
C SER B 89 -0.56 -1.88 15.27
N GLY B 90 -1.65 -2.26 14.60
CA GLY B 90 -2.62 -1.31 14.11
C GLY B 90 -2.36 -0.78 12.72
N THR B 91 -1.26 -1.22 12.11
CA THR B 91 -0.91 -0.80 10.76
C THR B 91 -1.90 -1.38 9.74
N VAL B 92 -2.28 -0.57 8.76
CA VAL B 92 -3.24 -0.98 7.75
C VAL B 92 -2.53 -1.56 6.53
N CYS B 93 -2.97 -2.74 6.09
CA CYS B 93 -2.38 -3.39 4.92
C CYS B 93 -3.22 -3.10 3.68
N LEU B 94 -2.81 -2.09 2.91
CA LEU B 94 -3.54 -1.68 1.71
C LEU B 94 -2.60 -1.48 0.53
N SER B 95 -3.09 -1.79 -0.66
CA SER B 95 -2.26 -1.76 -1.87
C SER B 95 -1.81 -0.35 -2.24
N ILE B 96 -2.69 0.63 -2.10
CA ILE B 96 -2.38 2.01 -2.46
C ILE B 96 -1.48 2.70 -1.45
N LEU B 97 -1.27 2.06 -0.29
CA LEU B 97 -0.45 2.65 0.76
C LEU B 97 0.99 2.15 0.75
N GLU B 98 1.39 1.52 -0.34
CA GLU B 98 2.75 1.00 -0.49
C GLU B 98 3.29 1.46 -1.84
N GLU B 99 4.50 2.01 -1.83
CA GLU B 99 5.08 2.66 -3.02
C GLU B 99 5.30 1.80 -4.26
N ASP B 100 5.88 0.62 -4.11
CA ASP B 100 6.14 -0.25 -5.26
C ASP B 100 4.85 -0.81 -5.86
N LYS B 101 3.70 -0.43 -5.33
CA LYS B 101 2.43 -0.96 -5.80
C LYS B 101 1.51 0.08 -6.49
N ASP B 102 0.36 0.32 -5.88
CA ASP B 102 -0.65 1.19 -6.47
C ASP B 102 -0.62 2.60 -5.86
N TRP B 103 0.48 2.96 -5.21
CA TRP B 103 0.63 4.31 -4.70
C TRP B 103 0.91 5.31 -5.81
N ARG B 104 0.22 6.45 -5.74
CA ARG B 104 0.44 7.55 -6.65
C ARG B 104 0.54 8.85 -5.87
N PRO B 105 1.41 9.77 -6.31
CA PRO B 105 1.51 11.06 -5.63
C PRO B 105 0.22 11.86 -5.75
N ALA B 106 -0.60 11.50 -6.74
CA ALA B 106 -1.87 12.17 -6.97
C ALA B 106 -2.93 11.80 -5.94
N ILE B 107 -2.70 10.73 -5.20
CA ILE B 107 -3.68 10.25 -4.22
C ILE B 107 -3.83 11.23 -3.06
N THR B 108 -5.07 11.61 -2.78
CA THR B 108 -5.39 12.58 -1.73
C THR B 108 -5.58 11.85 -0.40
N ILE B 109 -5.47 12.58 0.70
CA ILE B 109 -5.73 12.02 2.04
C ILE B 109 -7.17 11.50 2.11
N LYS B 110 -8.06 12.23 1.45
CA LYS B 110 -9.48 11.86 1.37
C LYS B 110 -9.64 10.52 0.70
N GLN B 111 -8.93 10.32 -0.41
CA GLN B 111 -9.01 9.08 -1.17
C GLN B 111 -8.51 7.91 -0.33
N ILE B 112 -7.46 8.15 0.44
CA ILE B 112 -6.91 7.14 1.32
C ILE B 112 -7.92 6.73 2.39
N LEU B 113 -8.50 7.72 3.06
CA LEU B 113 -9.44 7.44 4.14
C LEU B 113 -10.68 6.71 3.61
N LEU B 114 -11.12 7.10 2.42
CA LEU B 114 -12.28 6.45 1.81
C LEU B 114 -11.95 5.01 1.45
N GLY B 115 -10.74 4.79 0.93
CA GLY B 115 -10.33 3.45 0.57
C GLY B 115 -10.25 2.53 1.77
N ILE B 116 -9.78 3.08 2.89
CA ILE B 116 -9.72 2.30 4.12
C ILE B 116 -11.12 1.98 4.64
N GLN B 117 -12.02 2.96 4.54
CA GLN B 117 -13.40 2.74 4.97
C GLN B 117 -14.03 1.64 4.13
N GLU B 118 -13.72 1.64 2.84
CA GLU B 118 -14.18 0.59 1.94
C GLU B 118 -13.61 -0.76 2.37
N LEU B 119 -12.34 -0.74 2.78
CA LEU B 119 -11.65 -1.96 3.20
C LEU B 119 -12.27 -2.54 4.47
N LEU B 120 -12.92 -1.70 5.27
CA LEU B 120 -13.48 -2.14 6.54
C LEU B 120 -14.48 -3.28 6.39
N ASN B 121 -15.41 -3.16 5.46
CA ASN B 121 -16.41 -4.20 5.25
C ASN B 121 -16.07 -5.10 4.07
N GLU B 122 -14.98 -4.78 3.37
CA GLU B 122 -14.52 -5.60 2.25
C GLU B 122 -13.06 -5.99 2.42
N PRO B 123 -12.77 -6.94 3.33
CA PRO B 123 -11.39 -7.36 3.56
C PRO B 123 -10.76 -7.96 2.31
N ASN B 124 -9.44 -7.86 2.20
CA ASN B 124 -8.73 -8.44 1.06
C ASN B 124 -8.11 -9.78 1.46
N ILE B 125 -8.49 -10.83 0.75
CA ILE B 125 -8.08 -12.19 1.07
C ILE B 125 -6.59 -12.39 0.87
N GLN B 126 -5.99 -11.53 0.04
CA GLN B 126 -4.59 -11.69 -0.36
C GLN B 126 -3.62 -10.93 0.56
N ASP B 127 -4.16 -10.29 1.59
CA ASP B 127 -3.33 -9.53 2.52
C ASP B 127 -3.60 -9.88 3.98
N PRO B 128 -3.21 -11.08 4.41
CA PRO B 128 -3.38 -11.43 5.82
C PRO B 128 -2.40 -10.67 6.72
N ALA B 129 -2.94 -9.92 7.68
CA ALA B 129 -2.10 -9.13 8.58
C ALA B 129 -2.36 -9.51 10.03
N GLN B 130 -3.57 -10.01 10.29
CA GLN B 130 -3.98 -10.46 11.61
C GLN B 130 -4.47 -11.90 11.59
N ALA B 131 -3.90 -12.74 12.44
CA ALA B 131 -4.22 -14.16 12.41
C ALA B 131 -5.67 -14.43 12.82
N GLU B 132 -6.05 -13.89 13.97
CA GLU B 132 -7.35 -14.16 14.57
C GLU B 132 -8.51 -13.68 13.70
N ALA B 133 -8.45 -12.42 13.30
CA ALA B 133 -9.49 -11.83 12.48
C ALA B 133 -9.65 -12.51 11.14
N TYR B 134 -8.53 -12.79 10.49
CA TYR B 134 -8.55 -13.40 9.17
C TYR B 134 -9.15 -14.80 9.26
N THR B 135 -8.66 -15.58 10.22
CA THR B 135 -9.11 -16.96 10.36
C THR B 135 -10.59 -17.03 10.70
N ILE B 136 -11.03 -16.24 11.68
CA ILE B 136 -12.44 -16.24 12.04
C ILE B 136 -13.31 -15.74 10.87
N TYR B 137 -12.81 -14.73 10.16
CA TYR B 137 -13.53 -14.15 9.02
C TYR B 137 -13.81 -15.23 7.98
N CYS B 138 -12.82 -16.06 7.70
CA CYS B 138 -13.02 -17.17 6.76
C CYS B 138 -13.90 -18.27 7.33
N GLN B 139 -13.64 -18.66 8.58
CA GLN B 139 -14.29 -19.82 9.18
C GLN B 139 -15.75 -19.62 9.56
N ASN B 140 -16.03 -18.62 10.41
CA ASN B 140 -17.40 -18.39 10.85
C ASN B 140 -17.75 -16.90 10.83
N ARG B 141 -18.28 -16.42 9.71
CA ARG B 141 -18.51 -14.98 9.53
C ARG B 141 -19.59 -14.40 10.42
N VAL B 142 -20.52 -15.23 10.86
CA VAL B 142 -21.55 -14.76 11.77
C VAL B 142 -20.90 -14.29 13.08
N GLU B 143 -19.98 -15.12 13.57
CA GLU B 143 -19.24 -14.83 14.79
C GLU B 143 -18.29 -13.64 14.57
N TYR B 144 -17.78 -13.54 13.35
CA TYR B 144 -16.90 -12.45 12.96
C TYR B 144 -17.62 -11.12 13.05
N GLU B 145 -18.84 -11.09 12.51
CA GLU B 145 -19.64 -9.89 12.53
C GLU B 145 -20.07 -9.61 13.95
N LYS B 146 -20.14 -10.66 14.77
CA LYS B 146 -20.42 -10.50 16.18
C LYS B 146 -19.31 -9.66 16.81
N ARG B 147 -18.06 -10.04 16.52
CA ARG B 147 -16.92 -9.29 17.03
C ARG B 147 -16.91 -7.87 16.49
N VAL B 148 -17.23 -7.71 15.21
CA VAL B 148 -17.21 -6.38 14.61
C VAL B 148 -18.23 -5.46 15.28
N ARG B 149 -19.44 -5.97 15.52
CA ARG B 149 -20.47 -5.17 16.17
C ARG B 149 -20.09 -4.80 17.61
N ALA B 150 -19.49 -5.74 18.34
CA ALA B 150 -19.05 -5.42 19.70
C ALA B 150 -17.99 -4.31 19.70
N GLN B 151 -17.06 -4.42 18.75
CA GLN B 151 -15.97 -3.44 18.62
C GLN B 151 -16.50 -2.08 18.20
N ALA B 152 -17.48 -2.09 17.32
CA ALA B 152 -18.10 -0.86 16.83
C ALA B 152 -18.84 -0.16 17.96
N LYS B 153 -19.46 -0.96 18.82
CA LYS B 153 -20.19 -0.40 19.95
C LYS B 153 -19.19 0.18 20.95
N LYS B 154 -18.00 -0.42 21.02
CA LYS B 154 -16.98 0.06 21.94
C LYS B 154 -16.50 1.46 21.56
N PHE B 155 -16.49 1.79 20.26
CA PHE B 155 -15.95 3.06 19.80
C PHE B 155 -17.01 4.05 19.36
N ALA B 156 -18.26 3.80 19.76
CA ALA B 156 -19.35 4.74 19.54
C ALA B 156 -19.46 5.72 20.70
N PRO B 157 -19.45 7.03 20.41
CA PRO B 157 -19.59 8.04 21.46
C PRO B 157 -20.92 7.94 22.19
N ALA C 1 -9.14 33.91 16.57
CA ALA C 1 -10.10 33.11 15.80
C ALA C 1 -9.45 31.84 15.28
N GLU C 2 -10.18 30.73 15.40
CA GLU C 2 -9.68 29.41 15.06
C GLU C 2 -9.07 29.28 13.64
N PRO C 3 -9.80 29.73 12.59
CA PRO C 3 -9.19 29.62 11.26
C PRO C 3 -7.86 30.35 11.16
N VAL C 4 -7.82 31.55 11.73
CA VAL C 4 -6.62 32.38 11.71
C VAL C 4 -5.45 31.75 12.46
N GLN C 5 -5.69 31.28 13.68
CA GLN C 5 -4.61 30.70 14.47
C GLN C 5 -4.14 29.40 13.85
N GLU C 6 -5.04 28.66 13.21
CA GLU C 6 -4.61 27.48 12.48
C GLU C 6 -3.71 27.88 11.33
N GLU C 7 -4.08 28.94 10.61
CA GLU C 7 -3.23 29.42 9.52
C GLU C 7 -1.85 29.80 10.03
N LEU C 8 -1.82 30.56 11.12
CA LEU C 8 -0.56 30.99 11.73
C LEU C 8 0.31 29.78 12.07
N SER C 9 -0.30 28.77 12.68
CA SER C 9 0.42 27.55 13.05
C SER C 9 0.99 26.86 11.80
N VAL C 10 0.16 26.71 10.77
CA VAL C 10 0.59 26.05 9.54
C VAL C 10 1.75 26.80 8.89
N LEU C 11 1.64 28.12 8.78
CA LEU C 11 2.73 28.92 8.23
C LEU C 11 4.00 28.72 9.05
N ALA C 12 3.87 28.76 10.37
CA ALA C 12 5.00 28.56 11.25
C ALA C 12 5.62 27.17 11.03
N ALA C 13 4.85 26.23 10.52
CA ALA C 13 5.34 24.88 10.25
C ALA C 13 5.99 24.73 8.86
N ILE C 14 5.30 25.23 7.84
CA ILE C 14 5.72 25.21 6.44
C ILE C 14 7.15 25.70 6.31
N PHE C 15 7.45 26.73 7.07
CA PHE C 15 8.80 27.24 7.15
C PHE C 15 9.49 26.63 8.36
N CYS C 16 10.59 25.92 8.09
CA CYS C 16 11.45 25.41 9.16
C CYS C 16 12.88 25.92 8.94
N ARG C 17 12.99 27.13 8.38
CA ARG C 17 14.29 27.80 8.17
C ARG C 17 15.00 28.06 9.50
N PRO C 18 16.03 28.93 9.47
CA PRO C 18 16.36 29.65 10.70
C PRO C 18 15.65 31.00 10.87
N HIS C 19 15.56 31.83 9.83
CA HIS C 19 15.08 33.21 9.99
C HIS C 19 13.85 33.53 9.16
N GLU C 20 13.34 32.49 8.52
CA GLU C 20 11.97 32.42 8.00
C GLU C 20 10.94 33.43 8.47
N TRP C 21 10.54 33.21 9.71
CA TRP C 21 9.22 33.49 10.20
C TRP C 21 9.31 34.04 11.60
N GLU C 22 8.45 35.00 11.89
CA GLU C 22 8.54 35.69 13.15
C GLU C 22 7.18 36.27 13.36
N VAL C 23 6.76 36.35 14.61
CA VAL C 23 5.57 37.09 14.94
C VAL C 23 6.06 38.38 15.54
N LEU C 24 5.88 39.47 14.80
CA LEU C 24 6.36 40.78 15.24
C LEU C 24 5.55 41.28 16.42
N SER C 25 4.23 41.07 16.39
CA SER C 25 3.39 41.52 17.49
C SER C 25 2.05 40.78 17.61
N ARG C 26 1.58 40.65 18.85
CA ARG C 26 0.28 40.04 19.12
C ARG C 26 -0.53 40.95 20.02
N SER C 27 -1.83 41.07 19.74
CA SER C 27 -2.71 41.90 20.56
C SER C 27 -4.19 41.65 20.28
N GLU C 28 -5.00 41.75 21.34
CA GLU C 28 -6.45 41.61 21.23
C GLU C 28 -7.03 42.66 20.29
N THR C 29 -6.49 43.87 20.36
CA THR C 29 -6.82 44.92 19.41
C THR C 29 -5.71 45.03 18.38
N ASP C 30 -6.06 45.49 17.18
CA ASP C 30 -5.12 45.63 16.05
C ASP C 30 -4.67 44.29 15.46
N GLY C 31 -4.67 43.23 16.27
CA GLY C 31 -4.37 41.90 15.76
C GLY C 31 -2.90 41.52 15.78
N THR C 32 -2.51 40.71 14.79
CA THR C 32 -1.19 40.10 14.74
C THR C 32 -0.34 40.62 13.58
N VAL C 33 0.91 40.98 13.84
CA VAL C 33 1.81 41.28 12.74
C VAL C 33 2.98 40.31 12.69
N PHE C 34 3.22 39.75 11.51
CA PHE C 34 4.31 38.79 11.35
C PHE C 34 5.12 39.04 10.08
N ARG C 35 6.32 38.46 10.01
CA ARG C 35 7.23 38.58 8.88
C ARG C 35 7.61 37.21 8.33
N ILE C 36 7.69 37.11 7.01
CA ILE C 36 8.18 35.91 6.35
C ILE C 36 9.23 36.28 5.28
N HIS C 37 10.43 35.68 5.24
CA HIS C 37 11.09 35.83 3.97
C HIS C 37 11.02 34.50 3.23
N THR C 38 10.48 34.57 2.01
CA THR C 38 10.33 33.45 1.07
C THR C 38 11.15 33.77 -0.19
N LYS C 39 11.83 32.78 -0.74
CA LYS C 39 12.84 33.02 -1.79
C LYS C 39 12.44 32.42 -3.15
N ALA C 40 12.71 33.14 -4.24
CA ALA C 40 12.01 32.89 -5.50
C ALA C 40 12.85 32.89 -6.78
N GLU C 41 13.58 33.97 -7.01
CA GLU C 41 14.15 34.27 -8.33
C GLU C 41 15.14 33.23 -8.87
N GLY C 42 15.08 33.05 -10.19
CA GLY C 42 16.00 32.18 -10.91
C GLY C 42 16.66 32.92 -12.06
N PHE C 43 15.98 33.93 -12.58
CA PHE C 43 16.55 34.80 -13.62
C PHE C 43 16.02 36.23 -13.45
N MET C 44 15.96 36.97 -14.55
CA MET C 44 15.40 38.33 -14.55
C MET C 44 13.90 38.33 -14.28
N PRO C 49 14.99 36.20 -1.78
CA PRO C 49 15.06 37.65 -2.00
C PRO C 49 13.71 38.34 -1.79
N LEU C 50 13.00 38.01 -0.72
CA LEU C 50 11.72 38.65 -0.45
C LEU C 50 11.46 38.76 1.03
N GLU C 51 11.03 39.93 1.49
CA GLU C 51 10.55 40.07 2.85
C GLU C 51 9.10 40.52 2.81
N LEU C 52 8.19 39.69 3.32
CA LEU C 52 6.78 40.07 3.34
C LEU C 52 6.27 40.21 4.76
N VAL C 53 5.85 41.42 5.10
CA VAL C 53 5.35 41.71 6.45
C VAL C 53 3.83 41.83 6.44
N PHE C 54 3.16 40.79 6.92
CA PHE C 54 1.70 40.78 6.95
C PHE C 54 1.14 41.30 8.27
N HIS C 55 0.07 42.08 8.17
CA HIS C 55 -0.72 42.45 9.33
C HIS C 55 -2.12 41.87 9.22
N LEU C 56 -2.50 41.11 10.24
CA LEU C 56 -3.81 40.49 10.32
C LEU C 56 -4.63 41.14 11.42
N PRO C 57 -5.49 42.09 11.03
CA PRO C 57 -6.46 42.66 11.98
C PRO C 57 -7.44 41.59 12.43
N VAL C 58 -8.14 41.82 13.53
CA VAL C 58 -9.04 40.81 14.09
C VAL C 58 -10.27 40.56 13.22
N ASN C 59 -10.33 41.21 12.06
CA ASN C 59 -11.43 41.02 11.12
C ASN C 59 -11.03 40.10 9.97
N TYR C 60 -9.73 40.00 9.71
CA TYR C 60 -9.19 39.04 8.76
C TYR C 60 -9.63 37.63 9.14
N PRO C 61 -9.93 36.77 8.15
CA PRO C 61 -9.83 36.99 6.70
C PRO C 61 -11.06 37.63 6.06
N SER C 62 -12.05 38.01 6.85
CA SER C 62 -13.20 38.73 6.32
C SER C 62 -12.75 40.10 5.82
N CYS C 63 -11.67 40.61 6.41
CA CYS C 63 -11.08 41.88 6.02
C CYS C 63 -9.76 41.66 5.29
N LEU C 64 -9.23 42.74 4.71
CA LEU C 64 -7.96 42.67 3.99
C LEU C 64 -6.77 42.80 4.94
N PRO C 65 -5.74 41.96 4.73
CA PRO C 65 -4.52 42.07 5.53
C PRO C 65 -3.64 43.22 5.06
N GLY C 66 -2.82 43.75 5.96
CA GLY C 66 -1.85 44.78 5.59
C GLY C 66 -0.54 44.13 5.20
N ILE C 67 -0.01 44.52 4.05
CA ILE C 67 1.21 43.91 3.52
C ILE C 67 2.31 44.95 3.32
N SER C 68 3.53 44.48 3.05
CA SER C 68 4.68 45.32 2.75
C SER C 68 5.81 44.46 2.20
N ILE C 69 6.46 44.93 1.14
CA ILE C 69 7.51 44.15 0.50
C ILE C 69 8.87 44.83 0.53
N ASN C 70 9.85 44.15 1.11
CA ASN C 70 11.24 44.58 1.02
C ASN C 70 12.07 43.47 0.37
N SER C 71 12.93 43.84 -0.57
CA SER C 71 13.62 42.84 -1.38
C SER C 71 14.75 43.44 -2.20
N GLU C 72 15.65 44.16 -1.52
CA GLU C 72 16.68 44.99 -2.14
C GLU C 72 17.59 44.34 -3.20
N GLN C 73 17.24 43.13 -3.66
CA GLN C 73 17.75 42.62 -4.93
C GLN C 73 16.84 43.15 -6.02
N LEU C 74 15.57 43.31 -5.65
CA LEU C 74 14.59 44.00 -6.46
C LEU C 74 14.65 45.49 -6.18
N THR C 75 14.08 46.28 -7.09
CA THR C 75 13.98 47.72 -6.87
C THR C 75 12.82 47.94 -5.87
N ARG C 76 12.45 49.19 -5.65
CA ARG C 76 11.46 49.59 -4.67
C ARG C 76 10.15 49.97 -5.39
N ALA C 77 10.29 50.54 -6.58
CA ALA C 77 9.15 50.96 -7.41
C ALA C 77 8.16 49.83 -7.67
N GLN C 78 8.65 48.61 -7.69
CA GLN C 78 7.78 47.47 -7.92
C GLN C 78 6.97 47.24 -6.65
N CYS C 79 7.60 47.37 -5.48
CA CYS C 79 6.95 47.07 -4.20
C CYS C 79 5.60 47.78 -4.02
N VAL C 80 5.46 48.96 -4.60
CA VAL C 80 4.17 49.64 -4.54
C VAL C 80 3.18 48.98 -5.49
N THR C 81 3.64 48.59 -6.68
CA THR C 81 2.80 47.84 -7.62
C THR C 81 2.36 46.48 -7.02
N VAL C 82 3.35 45.76 -6.51
CA VAL C 82 3.27 44.43 -5.91
C VAL C 82 2.45 44.40 -4.62
N LYS C 83 2.48 45.50 -3.87
CA LYS C 83 1.66 45.53 -2.66
C LYS C 83 0.26 45.92 -3.07
N GLU C 84 0.15 46.87 -3.99
CA GLU C 84 -1.14 47.21 -4.55
C GLU C 84 -1.61 46.13 -5.56
N LYS C 85 -1.03 44.92 -5.53
CA LYS C 85 -1.58 43.85 -6.36
C LYS C 85 -1.54 42.44 -5.77
N LEU C 86 -0.55 42.12 -4.92
CA LEU C 86 -0.69 40.96 -4.04
C LEU C 86 -2.00 41.11 -3.27
N LEU C 87 -2.48 42.35 -3.27
CA LEU C 87 -3.78 42.74 -2.76
C LEU C 87 -4.96 42.14 -3.54
N GLU C 88 -4.77 41.79 -4.82
CA GLU C 88 -5.91 41.31 -5.66
C GLU C 88 -6.52 39.95 -5.31
N GLN C 89 -5.83 38.87 -5.64
CA GLN C 89 -6.36 37.57 -5.28
C GLN C 89 -6.42 37.40 -3.76
N ALA C 90 -5.85 38.36 -3.05
CA ALA C 90 -6.14 38.53 -1.64
C ALA C 90 -7.63 38.88 -1.48
N GLU C 91 -8.17 39.63 -2.45
CA GLU C 91 -9.61 39.89 -2.48
C GLU C 91 -10.35 38.71 -3.11
N SER C 92 -9.65 37.89 -3.88
CA SER C 92 -10.29 36.69 -4.42
C SER C 92 -10.36 35.61 -3.35
N LEU C 93 -9.26 35.42 -2.62
CA LEU C 93 -9.21 34.45 -1.53
C LEU C 93 -9.78 35.04 -0.25
N LEU C 94 -10.61 36.07 -0.40
CA LEU C 94 -11.24 36.76 0.72
C LEU C 94 -12.07 35.79 1.57
N SER C 95 -12.31 36.19 2.82
CA SER C 95 -13.13 35.44 3.78
C SER C 95 -12.49 34.12 4.21
N GLU C 96 -11.30 33.83 3.72
CA GLU C 96 -10.57 32.62 4.13
C GLU C 96 -9.07 32.87 4.14
N PRO C 97 -8.35 32.22 5.07
CA PRO C 97 -6.89 32.32 5.22
C PRO C 97 -6.15 32.24 3.89
N MET C 98 -5.58 33.37 3.47
CA MET C 98 -5.03 33.51 2.13
C MET C 98 -3.51 33.62 2.10
N VAL C 99 -2.90 33.83 3.26
CA VAL C 99 -1.47 34.11 3.36
C VAL C 99 -0.59 33.07 2.67
N HIS C 100 -0.81 31.79 3.01
CA HIS C 100 -0.05 30.70 2.42
C HIS C 100 -0.16 30.75 0.88
N GLU C 101 -1.38 30.96 0.41
CA GLU C 101 -1.65 31.05 -1.02
C GLU C 101 -0.88 32.18 -1.68
N LEU C 102 -0.88 33.37 -1.09
CA LEU C 102 -0.18 34.51 -1.66
C LEU C 102 1.34 34.23 -1.70
N VAL C 103 1.85 33.82 -0.54
CA VAL C 103 3.26 33.45 -0.39
C VAL C 103 3.71 32.55 -1.53
N LEU C 104 3.06 31.39 -1.68
CA LEU C 104 3.44 30.48 -2.75
C LEU C 104 2.97 30.96 -4.14
N TRP C 105 2.15 32.01 -4.18
CA TRP C 105 1.69 32.56 -5.45
C TRP C 105 2.80 33.37 -6.06
N ILE C 106 3.69 33.91 -5.24
CA ILE C 106 4.68 34.84 -5.80
C ILE C 106 6.14 34.32 -5.91
N GLN C 107 6.43 33.07 -5.58
CA GLN C 107 7.75 32.57 -5.99
C GLN C 107 7.55 31.86 -7.32
N GLU C 108 6.28 31.79 -7.73
CA GLU C 108 5.91 31.34 -9.06
C GLU C 108 6.20 32.46 -10.04
N ASN C 109 6.27 33.66 -9.47
CA ASN C 109 5.76 34.90 -10.05
C ASN C 109 6.50 36.17 -9.56
N LEU C 110 6.98 36.97 -10.50
CA LEU C 110 7.55 38.27 -10.16
C LEU C 110 6.92 39.28 -11.08
N ARG C 111 5.60 39.41 -10.93
CA ARG C 111 4.72 39.96 -11.97
C ARG C 111 5.19 39.47 -13.35
N HIS C 112 5.41 38.16 -13.43
CA HIS C 112 5.74 37.47 -14.68
C HIS C 112 4.48 36.99 -15.39
N ALA C 113 4.57 36.89 -16.72
CA ALA C 113 3.59 36.21 -17.56
C ALA C 113 2.14 36.50 -17.21
#